data_7AWK
#
_entry.id   7AWK
#
_cell.length_a   43.975
_cell.length_b   82.054
_cell.length_c   38.047
_cell.angle_alpha   90.000
_cell.angle_beta   90.000
_cell.angle_gamma   90.000
#
_symmetry.space_group_name_H-M   'P 21 21 2'
#
loop_
_entity.id
_entity.type
_entity.pdbx_description
1 polymer 'Probable endoribonuclease HigB1'
2 water water
#
_entity_poly.entity_id   1
_entity_poly.type   'polypeptide(L)'
_entity_poly.pdbx_seq_one_letter_code
;GSHMPPPDPAAMGTWKFFRASVDGRPVFKKEFDKLPDQARAALIVLMQRYLVGDLAAGSIKPIRGDILELRWHEANNHFR
VLFFRWGQHPVALTAFYANQQKTPKTKIETALDRQKIWKRAFGDTPPILE
;
_entity_poly.pdbx_strand_id   A
#
# COMPACT_ATOMS: atom_id res chain seq x y z
N ALA A 11 8.37 14.33 0.67
CA ALA A 11 7.42 13.88 1.76
C ALA A 11 7.09 12.37 1.58
N MET A 12 6.94 11.92 0.33
CA MET A 12 6.63 10.51 -0.04
C MET A 12 7.90 9.65 -0.11
N GLY A 13 9.09 10.23 0.13
CA GLY A 13 10.37 9.49 0.26
C GLY A 13 10.49 8.29 -0.68
N THR A 14 10.68 7.10 -0.12
CA THR A 14 11.00 5.86 -0.84
C THR A 14 9.73 5.04 -1.12
N TRP A 15 8.51 5.58 -1.04
CA TRP A 15 7.30 4.83 -1.47
C TRP A 15 7.40 4.40 -2.93
N LYS A 16 7.05 3.14 -3.21
CA LYS A 16 6.77 2.66 -4.60
C LYS A 16 5.31 2.22 -4.77
N PHE A 17 4.87 2.09 -6.02
CA PHE A 17 3.46 1.87 -6.40
C PHE A 17 3.42 0.65 -7.32
N PHE A 18 2.75 -0.38 -6.87
CA PHE A 18 2.69 -1.62 -7.65
C PHE A 18 2.41 -1.37 -9.15
N ARG A 19 3.28 -1.90 -10.01
N ARG A 19 3.26 -1.96 -9.98
CA ARG A 19 3.04 -2.25 -11.45
CA ARG A 19 2.96 -2.34 -11.38
C ARG A 19 3.61 -3.64 -11.73
C ARG A 19 3.46 -3.77 -11.60
N ALA A 20 3.06 -4.36 -12.71
CA ALA A 20 3.39 -5.77 -13.04
C ALA A 20 4.76 -5.84 -13.70
N SER A 21 5.19 -4.80 -14.39
CA SER A 21 6.52 -4.78 -15.05
C SER A 21 7.07 -3.36 -15.07
N VAL A 22 8.37 -3.23 -15.36
CA VAL A 22 9.13 -1.94 -15.27
C VAL A 22 8.41 -0.93 -16.17
N ASP A 23 7.75 -1.46 -17.21
CA ASP A 23 7.08 -0.78 -18.33
C ASP A 23 5.55 -0.78 -18.15
N GLY A 24 5.00 -1.64 -17.29
CA GLY A 24 3.56 -1.98 -17.29
C GLY A 24 2.64 -0.86 -16.84
N ARG A 25 1.32 -1.09 -16.97
CA ARG A 25 0.19 -0.26 -16.45
C ARG A 25 0.36 0.05 -14.96
N PRO A 26 0.09 1.31 -14.54
CA PRO A 26 0.32 1.73 -13.16
C PRO A 26 -0.86 1.26 -12.28
N VAL A 27 -0.88 -0.03 -11.93
CA VAL A 27 -2.11 -0.67 -11.40
C VAL A 27 -2.53 0.03 -10.09
N PHE A 28 -1.59 0.23 -9.19
CA PHE A 28 -1.92 0.80 -7.87
C PHE A 28 -2.53 2.20 -8.09
N LYS A 29 -1.85 3.03 -8.86
CA LYS A 29 -2.28 4.45 -9.08
C LYS A 29 -3.68 4.53 -9.68
N LYS A 30 -4.02 3.69 -10.67
CA LYS A 30 -5.40 3.64 -11.26
C LYS A 30 -6.43 3.30 -10.19
N GLU A 31 -6.16 2.32 -9.31
CA GLU A 31 -7.02 2.01 -8.14
C GLU A 31 -7.11 3.20 -7.18
N PHE A 32 -5.97 3.71 -6.77
CA PHE A 32 -5.91 4.82 -5.80
C PHE A 32 -6.76 6.00 -6.34
N ASP A 33 -6.49 6.40 -7.56
CA ASP A 33 -7.04 7.60 -8.26
C ASP A 33 -8.56 7.59 -8.33
N LYS A 34 -9.18 6.43 -8.30
CA LYS A 34 -10.66 6.29 -8.33
C LYS A 34 -11.24 6.70 -6.97
N LEU A 35 -10.45 6.68 -5.90
CA LEU A 35 -10.98 7.04 -4.56
C LEU A 35 -11.31 8.55 -4.55
N PRO A 36 -12.17 8.98 -3.61
CA PRO A 36 -12.48 10.40 -3.46
C PRO A 36 -11.27 11.27 -3.08
N ASP A 37 -11.34 12.54 -3.46
CA ASP A 37 -10.25 13.50 -3.21
C ASP A 37 -9.88 13.49 -1.75
N GLN A 38 -10.86 13.59 -0.85
CA GLN A 38 -10.56 13.75 0.59
C GLN A 38 -9.79 12.51 1.08
N ALA A 39 -10.22 11.34 0.64
CA ALA A 39 -9.58 10.05 1.03
C ALA A 39 -8.16 9.92 0.45
N ARG A 40 -7.96 10.27 -0.82
CA ARG A 40 -6.65 10.27 -1.49
C ARG A 40 -5.71 11.18 -0.67
N ALA A 41 -6.13 12.40 -0.35
CA ALA A 41 -5.31 13.34 0.45
C ALA A 41 -4.94 12.75 1.83
N ALA A 42 -5.91 12.21 2.58
CA ALA A 42 -5.73 11.57 3.91
C ALA A 42 -4.74 10.40 3.84
N LEU A 43 -4.87 9.56 2.82
CA LEU A 43 -3.99 8.40 2.64
C LEU A 43 -2.54 8.84 2.31
N ILE A 44 -2.36 9.84 1.47
CA ILE A 44 -1.01 10.41 1.18
C ILE A 44 -0.38 10.86 2.50
N VAL A 45 -1.13 11.59 3.32
CA VAL A 45 -0.61 12.03 4.63
C VAL A 45 -0.19 10.79 5.43
N LEU A 46 -1.00 9.72 5.46
CA LEU A 46 -0.64 8.56 6.30
C LEU A 46 0.62 7.94 5.71
N MET A 47 0.75 7.93 4.39
CA MET A 47 1.92 7.30 3.76
C MET A 47 3.17 8.10 4.16
N GLN A 48 3.06 9.42 4.17
CA GLN A 48 4.19 10.30 4.56
C GLN A 48 4.56 10.10 6.04
N ARG A 49 3.59 10.09 6.91
CA ARG A 49 3.78 9.88 8.36
C ARG A 49 4.37 8.49 8.63
N TYR A 50 3.96 7.46 7.88
CA TYR A 50 4.47 6.09 8.03
C TYR A 50 6.02 6.09 8.03
N LEU A 51 6.61 6.85 7.09
CA LEU A 51 8.05 6.97 6.87
C LEU A 51 8.71 7.70 8.06
N VAL A 52 8.02 8.65 8.67
CA VAL A 52 8.54 9.48 9.82
C VAL A 52 8.50 8.61 11.09
N GLY A 53 7.56 7.65 11.18
CA GLY A 53 7.29 6.89 12.40
C GLY A 53 6.28 7.51 13.34
N ASP A 54 5.42 8.47 12.96
CA ASP A 54 4.58 9.12 13.99
C ASP A 54 3.10 8.78 13.86
N LEU A 55 2.73 7.66 13.25
CA LEU A 55 1.31 7.19 13.19
C LEU A 55 0.77 6.85 14.58
N ALA A 56 -0.55 7.07 14.80
CA ALA A 56 -1.31 6.60 15.96
C ALA A 56 -1.66 5.13 15.68
N ALA A 57 -1.94 4.34 16.72
CA ALA A 57 -2.17 2.85 16.68
C ALA A 57 -3.31 2.45 15.70
N GLY A 58 -4.36 3.25 15.58
CA GLY A 58 -5.48 2.95 14.66
C GLY A 58 -5.11 2.99 13.18
N SER A 59 -3.89 3.44 12.83
CA SER A 59 -3.55 3.82 11.45
C SER A 59 -2.81 2.70 10.71
N ILE A 60 -2.18 1.75 11.39
CA ILE A 60 -1.29 0.74 10.74
C ILE A 60 -1.61 -0.62 11.39
N LYS A 61 -1.89 -1.66 10.61
CA LYS A 61 -2.27 -3.00 11.14
C LYS A 61 -1.46 -4.06 10.39
N PRO A 62 -0.83 -5.07 11.05
CA PRO A 62 -0.22 -6.20 10.31
C PRO A 62 -1.35 -7.07 9.76
N ILE A 63 -1.24 -7.61 8.55
CA ILE A 63 -2.39 -8.32 7.96
C ILE A 63 -2.10 -9.82 7.93
N ARG A 64 -1.11 -10.23 7.18
CA ARG A 64 -0.69 -11.64 7.09
C ARG A 64 0.64 -11.62 6.35
N GLY A 65 1.58 -12.46 6.78
CA GLY A 65 2.93 -12.53 6.19
C GLY A 65 3.56 -11.15 6.25
N ASP A 66 4.08 -10.68 5.13
CA ASP A 66 4.78 -9.39 5.06
C ASP A 66 3.78 -8.25 4.80
N ILE A 67 2.50 -8.53 4.57
CA ILE A 67 1.50 -7.49 4.19
C ILE A 67 1.06 -6.67 5.40
N LEU A 68 1.11 -5.35 5.24
CA LEU A 68 0.67 -4.35 6.24
C LEU A 68 -0.48 -3.52 5.65
N GLU A 69 -1.28 -2.91 6.50
CA GLU A 69 -2.44 -2.11 6.06
C GLU A 69 -2.33 -0.71 6.68
N LEU A 70 -2.32 0.34 5.88
CA LEU A 70 -2.62 1.71 6.34
C LEU A 70 -4.15 1.90 6.29
N ARG A 71 -4.71 2.46 7.33
CA ARG A 71 -6.16 2.62 7.49
C ARG A 71 -6.38 4.08 7.85
N TRP A 72 -7.34 4.70 7.18
CA TRP A 72 -7.77 6.08 7.55
C TRP A 72 -8.76 6.05 8.71
N HIS A 73 -8.22 6.25 9.93
CA HIS A 73 -8.96 6.15 11.19
C HIS A 73 -10.11 7.18 11.29
N GLU A 74 -9.89 8.40 10.82
CA GLU A 74 -10.83 9.56 11.00
C GLU A 74 -12.05 9.35 10.10
N ALA A 75 -12.04 8.32 9.26
CA ALA A 75 -13.19 8.03 8.40
C ALA A 75 -13.57 6.56 8.60
N ASN A 76 -13.61 6.11 9.86
CA ASN A 76 -14.03 4.74 10.30
C ASN A 76 -13.29 3.64 9.54
N ASN A 77 -12.01 3.85 9.19
CA ASN A 77 -11.14 2.90 8.44
C ASN A 77 -11.75 2.46 7.10
N HIS A 78 -12.61 3.26 6.51
CA HIS A 78 -13.28 2.96 5.23
C HIS A 78 -12.29 3.05 4.07
N PHE A 79 -11.16 3.74 4.19
CA PHE A 79 -10.18 3.79 3.09
C PHE A 79 -8.85 3.17 3.56
N ARG A 80 -8.28 2.33 2.72
CA ARG A 80 -7.10 1.50 3.13
C ARG A 80 -6.12 1.33 1.99
N VAL A 81 -4.86 1.09 2.34
CA VAL A 81 -3.75 0.75 1.44
C VAL A 81 -3.06 -0.50 2.04
N LEU A 82 -3.02 -1.59 1.27
CA LEU A 82 -2.22 -2.77 1.62
C LEU A 82 -0.85 -2.59 0.96
N PHE A 83 0.23 -2.86 1.70
CA PHE A 83 1.58 -2.71 1.14
C PHE A 83 2.50 -3.74 1.81
N PHE A 84 3.74 -3.74 1.38
CA PHE A 84 4.82 -4.49 2.07
C PHE A 84 6.11 -3.71 1.96
N ARG A 85 7.05 -4.00 2.85
CA ARG A 85 8.41 -3.39 2.80
C ARG A 85 9.30 -4.19 1.86
N TRP A 86 9.76 -3.53 0.80
CA TRP A 86 10.69 -4.11 -0.18
C TRP A 86 12.02 -3.44 0.11
N GLY A 87 12.77 -4.05 1.02
CA GLY A 87 13.94 -3.42 1.64
C GLY A 87 13.51 -2.14 2.34
N GLN A 88 14.06 -0.99 1.96
CA GLN A 88 13.67 0.26 2.63
C GLN A 88 12.54 0.96 1.86
N HIS A 89 11.96 0.32 0.84
CA HIS A 89 10.90 0.94 0.05
C HIS A 89 9.60 0.29 0.44
N PRO A 90 8.65 1.01 1.07
CA PRO A 90 7.27 0.50 1.10
C PRO A 90 6.69 0.52 -0.31
N VAL A 91 6.03 -0.58 -0.72
CA VAL A 91 5.47 -0.78 -2.06
C VAL A 91 3.96 -0.92 -1.86
N ALA A 92 3.21 0.06 -2.36
CA ALA A 92 1.73 0.14 -2.25
C ALA A 92 1.19 -0.91 -3.20
N LEU A 93 0.39 -1.85 -2.73
CA LEU A 93 -0.09 -2.97 -3.58
C LEU A 93 -1.52 -2.71 -4.06
N THR A 94 -2.41 -2.32 -3.16
CA THR A 94 -3.85 -2.05 -3.52
C THR A 94 -4.42 -0.96 -2.64
N ALA A 95 -5.32 -0.15 -3.16
CA ALA A 95 -5.99 0.92 -2.42
C ALA A 95 -7.51 0.72 -2.58
N PHE A 96 -8.32 0.81 -1.52
CA PHE A 96 -9.74 0.40 -1.64
C PHE A 96 -10.57 1.03 -0.51
N TYR A 97 -11.87 1.14 -0.81
CA TYR A 97 -12.94 1.44 0.16
C TYR A 97 -13.32 0.11 0.79
N ALA A 98 -13.52 0.08 2.09
CA ALA A 98 -13.96 -1.13 2.83
C ALA A 98 -15.05 -0.71 3.83
N ASN A 99 -16.04 -1.59 3.99
CA ASN A 99 -17.27 -1.41 4.80
C ASN A 99 -17.02 -1.95 6.21
N GLN A 100 -16.60 -3.20 6.34
CA GLN A 100 -16.41 -3.88 7.65
C GLN A 100 -15.00 -3.62 8.18
N GLN A 101 -14.79 -3.82 9.47
CA GLN A 101 -13.46 -3.62 10.08
C GLN A 101 -12.51 -4.69 9.52
N LYS A 102 -12.94 -5.94 9.49
CA LYS A 102 -12.27 -7.07 8.80
C LYS A 102 -11.95 -6.66 7.35
N THR A 103 -10.67 -6.43 7.01
CA THR A 103 -10.22 -6.32 5.60
C THR A 103 -10.62 -7.58 4.83
N PRO A 104 -11.35 -7.48 3.69
CA PRO A 104 -11.83 -8.66 2.96
C PRO A 104 -10.70 -9.55 2.39
N LYS A 105 -10.95 -10.88 2.37
CA LYS A 105 -10.07 -11.98 1.91
C LYS A 105 -9.55 -11.67 0.50
N THR A 106 -10.45 -11.25 -0.42
CA THR A 106 -10.17 -10.92 -1.85
C THR A 106 -9.04 -9.89 -1.95
N LYS A 107 -9.14 -8.83 -1.17
CA LYS A 107 -8.09 -7.76 -1.14
C LYS A 107 -6.76 -8.33 -0.64
N ILE A 108 -6.78 -9.15 0.40
CA ILE A 108 -5.52 -9.68 1.00
C ILE A 108 -4.88 -10.60 -0.05
N GLU A 109 -5.66 -11.49 -0.67
CA GLU A 109 -5.17 -12.35 -1.78
C GLU A 109 -4.58 -11.49 -2.93
N THR A 110 -5.25 -10.42 -3.31
CA THR A 110 -4.73 -9.53 -4.38
C THR A 110 -3.36 -9.00 -3.94
N ALA A 111 -3.29 -8.51 -2.71
CA ALA A 111 -2.02 -7.97 -2.13
C ALA A 111 -0.88 -9.01 -2.19
N LEU A 112 -1.11 -10.20 -1.66
CA LEU A 112 -0.15 -11.33 -1.67
C LEU A 112 0.29 -11.63 -3.10
N ASP A 113 -0.68 -11.69 -4.01
CA ASP A 113 -0.42 -11.97 -5.45
C ASP A 113 0.47 -10.85 -6.01
N ARG A 114 0.14 -9.59 -5.73
CA ARG A 114 0.91 -8.45 -6.30
C ARG A 114 2.33 -8.42 -5.71
N GLN A 115 2.49 -8.74 -4.45
CA GLN A 115 3.85 -8.80 -3.81
C GLN A 115 4.69 -9.81 -4.61
N LYS A 116 4.12 -10.99 -4.86
CA LYS A 116 4.87 -12.07 -5.57
C LYS A 116 5.26 -11.60 -6.96
N ILE A 117 4.33 -10.92 -7.63
CA ILE A 117 4.50 -10.40 -9.00
C ILE A 117 5.64 -9.38 -8.98
N TRP A 118 5.58 -8.48 -8.01
CA TRP A 118 6.58 -7.41 -7.86
C TRP A 118 7.94 -8.10 -7.68
N LYS A 119 8.03 -9.01 -6.73
CA LYS A 119 9.35 -9.58 -6.31
C LYS A 119 9.99 -10.36 -7.44
N ARG A 120 9.14 -10.95 -8.28
CA ARG A 120 9.53 -11.74 -9.45
C ARG A 120 10.07 -10.83 -10.55
N ALA A 121 9.42 -9.68 -10.80
CA ALA A 121 9.79 -8.72 -11.87
C ALA A 121 11.03 -7.94 -11.42
N PHE A 122 11.11 -7.47 -10.17
CA PHE A 122 12.10 -6.45 -9.74
C PHE A 122 13.14 -6.97 -8.74
N GLY A 123 12.99 -8.21 -8.26
CA GLY A 123 13.95 -8.82 -7.32
C GLY A 123 13.31 -8.93 -5.95
N ASP A 124 13.73 -9.90 -5.16
CA ASP A 124 13.22 -10.10 -3.79
C ASP A 124 13.58 -8.95 -2.86
N THR A 125 14.69 -8.28 -3.10
CA THR A 125 15.07 -7.05 -2.36
C THR A 125 15.59 -6.07 -3.39
N PRO A 126 15.51 -4.75 -3.11
CA PRO A 126 15.99 -3.74 -4.04
C PRO A 126 17.45 -3.95 -4.41
N PRO A 127 17.90 -3.53 -5.60
CA PRO A 127 19.33 -3.52 -5.86
C PRO A 127 20.07 -2.62 -4.84
N ILE A 128 21.33 -2.94 -4.57
CA ILE A 128 22.22 -2.22 -3.61
C ILE A 128 22.44 -0.77 -4.08
N LEU A 129 22.42 -0.50 -5.38
CA LEU A 129 22.48 0.87 -6.00
C LEU A 129 21.31 1.09 -6.95
N GLU A 130 20.55 2.17 -6.76
CA GLU A 130 19.43 2.57 -7.67
C GLU A 130 19.85 3.89 -8.35
#